data_1CSR
#
_entry.id   1CSR
#
_cell.length_a   104.390
_cell.length_b   78.430
_cell.length_c   58.470
_cell.angle_alpha   90.00
_cell.angle_beta   78.86
_cell.angle_gamma   90.00
#
_symmetry.space_group_name_H-M   'C 1 2 1'
#
loop_
_entity.id
_entity.type
_entity.pdbx_description
1 polymer 'CITRATE SYNTHASE'
2 non-polymer 'OXALOACETATE ION'
3 non-polymer 'ALPHA-FLUORO-AMIDOCARBOXYMETHYLDETHIA COENZYME A COMPLEX'
4 water water
#
_entity_poly.entity_id   1
_entity_poly.type   'polypeptide(L)'
_entity_poly.pdbx_seq_one_letter_code
;STNLKDVLASLIPKEQARIKTFRQQHGNTAVGQITVDMSYGGMRGMKGLIYETSVLDPDEGIRFRGFSIPECQKLLPKAG
GGEEPLPEGLFWLLVTGQIPTPEQVSWVSKEWAKRAALPSHVVTMLDNFPTNLHPMSQLSAAITALNSESNFARAYAEGI
NRTKYWEFVYEDAMDLIAKLPCVAAKIYRNLYRAGSSIGAIDSKLDWSHNFTNMLGYTDPQFTELMRLYLTIHSDHEGGN
VSAHTSHLVGSALSDPYLSFAAAMNGLAGPLHGLANQEVLLWLSQLQKDLGADASDEKLRDYIWNTLNSGRVVPGYGHAV
LRKTDPRYTCQREFALKHLPSDPMFKLVAQLYKIVPNVLLEQGKAKNPWPNVDAHSGVLLQYYGMTEMNYYTVLFGVSRA
LGVLAQLIWSRALGFPLERPKSMSTAGLEKLSAGG
;
_entity_poly.pdbx_strand_id   A
#
# COMPACT_ATOMS: atom_id res chain seq x y z
N SER A 1 -7.85 26.29 -13.17
CA SER A 1 -8.50 25.61 -14.29
C SER A 1 -8.63 24.11 -14.09
N THR A 2 -7.64 23.52 -13.43
CA THR A 2 -7.70 22.11 -13.14
C THR A 2 -8.29 22.03 -11.72
N ASN A 3 -9.27 21.14 -11.57
CA ASN A 3 -9.93 20.91 -10.31
C ASN A 3 -10.50 19.53 -10.31
N LEU A 4 -9.84 18.59 -9.62
CA LEU A 4 -10.30 17.20 -9.56
C LEU A 4 -11.71 17.10 -8.94
N LYS A 5 -11.92 17.99 -7.98
CA LYS A 5 -13.22 18.05 -7.31
C LYS A 5 -14.38 18.27 -8.29
N ASP A 6 -14.20 19.19 -9.27
CA ASP A 6 -15.18 19.46 -10.29
C ASP A 6 -15.33 18.29 -11.20
N VAL A 7 -14.23 17.59 -11.48
CA VAL A 7 -14.30 16.44 -12.38
C VAL A 7 -15.15 15.34 -11.75
N LEU A 8 -14.80 15.09 -10.48
CA LEU A 8 -15.55 14.07 -9.74
C LEU A 8 -17.06 14.41 -9.69
N ALA A 9 -17.38 15.69 -9.44
CA ALA A 9 -18.77 16.14 -9.39
C ALA A 9 -19.54 15.71 -10.62
N SER A 10 -18.88 15.62 -11.75
CA SER A 10 -19.60 15.21 -12.95
C SER A 10 -19.66 13.71 -13.06
N LEU A 11 -18.53 13.10 -12.67
CA LEU A 11 -18.37 11.65 -12.74
C LEU A 11 -19.39 10.88 -11.81
N ILE A 12 -19.46 11.28 -10.55
CA ILE A 12 -20.32 10.67 -9.53
C ILE A 12 -21.74 10.29 -9.95
N PRO A 13 -22.47 11.25 -10.46
CA PRO A 13 -23.83 10.95 -10.83
C PRO A 13 -23.99 9.92 -11.90
N LYS A 14 -23.04 9.86 -12.83
CA LYS A 14 -23.16 8.90 -13.92
C LYS A 14 -23.01 7.49 -13.40
N GLU A 15 -22.04 7.33 -12.49
CA GLU A 15 -21.73 6.05 -11.86
C GLU A 15 -22.86 5.60 -10.98
N GLN A 16 -23.45 6.54 -10.26
CA GLN A 16 -24.58 6.19 -9.41
C GLN A 16 -25.66 5.51 -10.22
N ALA A 17 -26.04 6.18 -11.30
CA ALA A 17 -27.08 5.73 -12.20
C ALA A 17 -26.82 4.36 -12.86
N ARG A 18 -25.57 4.18 -13.19
CA ARG A 18 -25.07 2.99 -13.82
C ARG A 18 -25.14 1.84 -12.87
N ILE A 19 -24.75 2.04 -11.63
CA ILE A 19 -24.84 0.92 -10.70
C ILE A 19 -26.26 0.63 -10.33
N LYS A 20 -27.03 1.70 -10.32
CA LYS A 20 -28.45 1.64 -9.97
C LYS A 20 -29.18 0.65 -10.86
N THR A 21 -29.08 0.92 -12.13
CA THR A 21 -29.71 0.08 -13.11
C THR A 21 -29.14 -1.30 -13.12
N PHE A 22 -27.85 -1.41 -12.92
CA PHE A 22 -27.26 -2.73 -12.95
C PHE A 22 -27.85 -3.64 -11.90
N ARG A 23 -27.94 -3.07 -10.71
CA ARG A 23 -28.45 -3.74 -9.55
C ARG A 23 -29.92 -4.05 -9.73
N GLN A 24 -30.58 -3.19 -10.50
CA GLN A 24 -31.99 -3.33 -10.82
C GLN A 24 -32.16 -4.61 -11.62
N GLN A 25 -31.21 -4.83 -12.49
CA GLN A 25 -31.28 -5.99 -13.28
C GLN A 25 -30.62 -7.22 -12.70
N HIS A 26 -29.48 -7.07 -12.01
CA HIS A 26 -28.81 -8.25 -11.52
C HIS A 26 -28.49 -8.41 -10.05
N GLY A 27 -29.05 -7.55 -9.22
CA GLY A 27 -28.74 -7.64 -7.81
C GLY A 27 -28.93 -9.02 -7.18
N ASN A 28 -29.85 -9.78 -7.73
CA ASN A 28 -30.13 -11.09 -7.17
C ASN A 28 -29.37 -12.19 -7.85
N THR A 29 -28.55 -11.80 -8.79
CA THR A 29 -27.77 -12.80 -9.49
C THR A 29 -26.65 -13.29 -8.59
N ALA A 30 -26.49 -14.60 -8.55
CA ALA A 30 -25.43 -15.18 -7.73
C ALA A 30 -24.12 -15.26 -8.50
N VAL A 31 -23.06 -14.77 -7.87
CA VAL A 31 -21.70 -14.69 -8.38
C VAL A 31 -20.78 -15.74 -7.79
N GLY A 32 -21.29 -16.47 -6.80
CA GLY A 32 -20.52 -17.49 -6.11
C GLY A 32 -21.30 -18.20 -5.02
N GLN A 33 -20.58 -19.12 -4.37
CA GLN A 33 -21.08 -19.93 -3.27
C GLN A 33 -20.11 -19.90 -2.11
N ILE A 34 -20.57 -20.06 -0.86
CA ILE A 34 -19.70 -20.08 0.31
C ILE A 34 -19.64 -21.53 0.84
N THR A 35 -18.42 -22.03 1.11
CA THR A 35 -18.27 -23.37 1.64
C THR A 35 -17.64 -23.25 2.97
N VAL A 36 -17.73 -24.36 3.67
CA VAL A 36 -17.19 -24.40 4.99
C VAL A 36 -15.73 -23.98 5.02
N ASP A 37 -15.01 -24.56 4.07
CA ASP A 37 -13.62 -24.26 4.02
C ASP A 37 -13.30 -22.80 3.75
N MET A 38 -14.14 -22.09 3.00
CA MET A 38 -13.80 -20.69 2.80
C MET A 38 -13.96 -19.90 4.07
N SER A 39 -14.92 -20.31 4.90
CA SER A 39 -15.16 -19.59 6.13
C SER A 39 -14.04 -19.76 7.14
N TYR A 40 -13.50 -20.97 7.15
CA TYR A 40 -12.44 -21.37 8.04
C TYR A 40 -11.13 -20.82 7.60
N GLY A 41 -11.12 -20.57 6.29
CA GLY A 41 -9.91 -20.07 5.62
C GLY A 41 -9.73 -18.59 5.29
N GLY A 42 -10.17 -17.71 6.16
CA GLY A 42 -10.01 -16.27 5.93
C GLY A 42 -10.60 -15.76 4.61
N MET A 43 -11.75 -16.33 4.26
CA MET A 43 -12.54 -16.02 3.08
C MET A 43 -11.83 -16.29 1.78
N ARG A 44 -10.84 -17.17 1.83
CA ARG A 44 -10.10 -17.41 0.59
C ARG A 44 -10.98 -17.79 -0.56
N GLY A 45 -10.81 -17.05 -1.64
CA GLY A 45 -11.63 -17.40 -2.78
C GLY A 45 -13.04 -16.82 -2.71
N MET A 46 -13.33 -16.00 -1.71
CA MET A 46 -14.67 -15.45 -1.71
C MET A 46 -14.76 -14.07 -2.36
N LYS A 47 -15.72 -13.90 -3.27
CA LYS A 47 -15.92 -12.60 -3.91
C LYS A 47 -16.72 -11.81 -2.92
N GLY A 48 -16.10 -10.93 -2.18
CA GLY A 48 -16.90 -10.24 -1.19
C GLY A 48 -17.00 -8.74 -1.19
N LEU A 49 -16.23 -7.98 -1.97
CA LEU A 49 -16.34 -6.53 -1.92
C LEU A 49 -16.34 -5.94 -3.30
N ILE A 50 -16.81 -4.70 -3.35
CA ILE A 50 -16.82 -3.94 -4.59
C ILE A 50 -15.74 -2.96 -4.31
N TYR A 51 -14.73 -2.88 -5.19
CA TYR A 51 -13.55 -1.96 -5.03
C TYR A 51 -13.22 -1.52 -6.45
N GLU A 52 -13.39 -0.25 -6.73
CA GLU A 52 -13.24 0.24 -8.08
C GLU A 52 -11.90 0.58 -8.68
N THR A 53 -11.02 1.04 -7.82
CA THR A 53 -9.71 1.51 -8.19
C THR A 53 -8.69 0.55 -8.85
N SER A 54 -8.69 -0.71 -8.50
CA SER A 54 -7.77 -1.68 -9.06
C SER A 54 -8.36 -3.05 -8.88
N VAL A 55 -7.93 -3.97 -9.73
CA VAL A 55 -8.39 -5.34 -9.75
C VAL A 55 -7.20 -6.25 -9.98
N LEU A 56 -7.03 -7.27 -9.15
CA LEU A 56 -5.88 -8.18 -9.29
C LEU A 56 -6.30 -9.46 -9.96
N ASP A 57 -5.49 -9.83 -10.96
CA ASP A 57 -5.62 -11.05 -11.73
C ASP A 57 -4.63 -12.05 -11.12
N PRO A 58 -5.07 -13.26 -10.78
CA PRO A 58 -4.17 -14.22 -10.17
C PRO A 58 -2.94 -14.60 -10.97
N ASP A 59 -3.09 -14.52 -12.31
CA ASP A 59 -2.04 -14.85 -13.32
C ASP A 59 -1.27 -13.62 -13.79
N GLU A 60 -2.04 -12.60 -14.21
CA GLU A 60 -1.48 -11.35 -14.71
C GLU A 60 -1.06 -10.31 -13.70
N GLY A 61 -1.57 -10.35 -12.48
CA GLY A 61 -1.13 -9.31 -11.55
C GLY A 61 -2.11 -8.13 -11.55
N ILE A 62 -1.74 -7.08 -10.82
CA ILE A 62 -2.59 -5.93 -10.70
C ILE A 62 -2.84 -5.03 -11.92
N ARG A 63 -4.05 -4.55 -12.05
CA ARG A 63 -4.44 -3.58 -13.06
C ARG A 63 -5.07 -2.42 -12.32
N PHE A 64 -4.59 -1.24 -12.62
CA PHE A 64 -5.06 -0.02 -12.05
C PHE A 64 -5.98 0.63 -13.05
N ARG A 65 -7.28 0.57 -12.76
CA ARG A 65 -8.28 1.13 -13.63
C ARG A 65 -8.09 0.55 -15.03
N GLY A 66 -7.76 -0.71 -15.07
CA GLY A 66 -7.59 -1.37 -16.35
C GLY A 66 -6.15 -1.39 -16.90
N PHE A 67 -5.22 -0.63 -16.31
CA PHE A 67 -3.85 -0.62 -16.85
C PHE A 67 -2.87 -1.36 -16.00
N SER A 68 -2.11 -2.20 -16.67
CA SER A 68 -1.07 -2.94 -16.01
C SER A 68 0.11 -2.01 -15.74
N ILE A 69 1.03 -2.47 -14.91
CA ILE A 69 2.22 -1.69 -14.55
C ILE A 69 3.04 -1.14 -15.71
N PRO A 70 3.30 -1.97 -16.70
CA PRO A 70 4.08 -1.54 -17.86
C PRO A 70 3.32 -0.43 -18.58
N GLU A 71 2.01 -0.61 -18.70
CA GLU A 71 1.19 0.43 -19.30
C GLU A 71 1.32 1.74 -18.54
N CYS A 72 1.30 1.67 -17.23
CA CYS A 72 1.44 2.90 -16.46
C CYS A 72 2.80 3.57 -16.65
N GLN A 73 3.82 2.73 -16.64
CA GLN A 73 5.16 3.22 -16.80
C GLN A 73 5.24 4.00 -18.09
N LYS A 74 4.55 3.42 -19.04
CA LYS A 74 4.52 4.02 -20.32
C LYS A 74 3.55 5.19 -20.49
N LEU A 75 2.38 5.19 -19.83
CA LEU A 75 1.48 6.31 -20.05
C LEU A 75 1.51 7.46 -19.07
N LEU A 76 1.91 7.17 -17.85
CA LEU A 76 1.90 8.21 -16.86
C LEU A 76 2.99 9.25 -17.00
N PRO A 77 2.64 10.51 -16.74
CA PRO A 77 3.62 11.58 -16.81
C PRO A 77 4.83 11.32 -15.93
N LYS A 78 5.99 11.76 -16.39
CA LYS A 78 7.20 11.57 -15.62
C LYS A 78 7.77 12.91 -15.29
N ALA A 79 8.73 12.86 -14.39
CA ALA A 79 9.40 14.09 -13.99
C ALA A 79 10.22 14.64 -15.12
N GLY A 80 10.59 15.91 -15.04
CA GLY A 80 11.41 16.49 -16.08
C GLY A 80 12.75 15.78 -16.07
N GLY A 81 13.01 15.06 -17.16
CA GLY A 81 14.23 14.31 -17.34
C GLY A 81 14.12 12.92 -16.74
N GLY A 82 12.96 12.67 -16.11
CA GLY A 82 12.71 11.43 -15.45
C GLY A 82 12.29 10.29 -16.35
N GLU A 83 12.32 9.11 -15.77
CA GLU A 83 11.94 7.86 -16.38
C GLU A 83 10.83 7.19 -15.59
N GLU A 84 10.75 7.47 -14.27
CA GLU A 84 9.71 6.84 -13.42
C GLU A 84 8.42 7.65 -13.34
N PRO A 85 7.29 6.93 -13.31
CA PRO A 85 5.98 7.56 -13.27
C PRO A 85 5.78 8.30 -11.96
N LEU A 86 5.19 9.48 -12.05
CA LEU A 86 4.94 10.27 -10.84
C LEU A 86 3.72 9.70 -10.12
N PRO A 87 3.78 9.55 -8.80
CA PRO A 87 2.65 8.98 -8.07
C PRO A 87 1.36 9.83 -8.16
N GLU A 88 1.57 11.13 -8.33
CA GLU A 88 0.53 12.08 -8.49
C GLU A 88 -0.36 11.66 -9.63
N GLY A 89 0.25 11.21 -10.71
CA GLY A 89 -0.59 10.84 -11.85
C GLY A 89 -1.30 9.51 -11.60
N LEU A 90 -0.64 8.66 -10.83
CA LEU A 90 -1.31 7.41 -10.57
C LEU A 90 -2.63 7.72 -9.81
N PHE A 91 -2.54 8.60 -8.81
CA PHE A 91 -3.69 9.01 -8.03
C PHE A 91 -4.81 9.50 -8.92
N TRP A 92 -4.46 10.42 -9.81
CA TRP A 92 -5.44 10.92 -10.73
C TRP A 92 -6.13 9.81 -11.51
N LEU A 93 -5.31 8.87 -11.98
CA LEU A 93 -5.91 7.78 -12.75
C LEU A 93 -6.86 6.95 -11.90
N LEU A 94 -6.46 6.67 -10.63
CA LEU A 94 -7.30 5.82 -9.75
C LEU A 94 -8.65 6.47 -9.48
N VAL A 95 -8.55 7.76 -9.20
CA VAL A 95 -9.68 8.56 -8.87
C VAL A 95 -10.63 8.80 -10.01
N THR A 96 -10.13 9.13 -11.18
CA THR A 96 -11.01 9.42 -12.31
C THR A 96 -11.14 8.30 -13.31
N GLY A 97 -10.19 7.36 -13.28
CA GLY A 97 -10.23 6.29 -14.24
C GLY A 97 -9.66 6.77 -15.58
N GLN A 98 -9.14 8.01 -15.59
CA GLN A 98 -8.57 8.54 -16.82
C GLN A 98 -7.11 8.88 -16.63
N ILE A 99 -6.30 8.72 -17.70
CA ILE A 99 -4.88 9.07 -17.68
C ILE A 99 -4.78 10.59 -17.66
N PRO A 100 -3.99 11.13 -16.76
CA PRO A 100 -3.95 12.56 -16.70
C PRO A 100 -2.90 13.15 -17.57
N THR A 101 -3.09 14.47 -17.74
CA THR A 101 -2.15 15.25 -18.50
C THR A 101 -1.06 15.71 -17.54
N PRO A 102 0.01 16.21 -18.12
CA PRO A 102 1.06 16.63 -17.25
C PRO A 102 0.67 17.86 -16.51
N GLU A 103 -0.24 18.58 -17.14
CA GLU A 103 -0.73 19.79 -16.50
C GLU A 103 -1.57 19.39 -15.27
N GLN A 104 -2.37 18.34 -15.45
CA GLN A 104 -3.21 17.88 -14.37
C GLN A 104 -2.35 17.43 -13.22
N VAL A 105 -1.33 16.68 -13.61
CA VAL A 105 -0.38 16.13 -12.69
C VAL A 105 0.30 17.24 -11.95
N SER A 106 0.68 18.29 -12.64
CA SER A 106 1.35 19.30 -11.83
C SER A 106 0.38 20.00 -10.87
N TRP A 107 -0.92 19.91 -11.19
CA TRP A 107 -1.84 20.56 -10.28
C TRP A 107 -1.87 19.77 -8.96
N VAL A 108 -1.92 18.45 -9.09
CA VAL A 108 -1.94 17.57 -7.89
C VAL A 108 -0.73 17.92 -7.04
N SER A 109 0.39 18.05 -7.75
CA SER A 109 1.64 18.39 -7.07
C SER A 109 1.56 19.68 -6.30
N LYS A 110 0.97 20.69 -6.91
CA LYS A 110 0.89 21.95 -6.14
C LYS A 110 -0.08 21.83 -4.94
N GLU A 111 -1.19 21.13 -5.18
CA GLU A 111 -2.22 20.92 -4.20
C GLU A 111 -1.62 20.24 -3.00
N TRP A 112 -0.91 19.13 -3.26
CA TRP A 112 -0.25 18.41 -2.17
C TRP A 112 0.80 19.28 -1.48
N ALA A 113 1.48 20.18 -2.20
CA ALA A 113 2.46 20.97 -1.47
C ALA A 113 1.75 22.03 -0.64
N LYS A 114 0.67 22.58 -1.19
CA LYS A 114 -0.09 23.62 -0.48
C LYS A 114 -0.69 23.15 0.82
N ARG A 115 -1.21 21.92 0.83
CA ARG A 115 -1.88 21.33 2.00
C ARG A 115 -1.07 20.69 3.10
N ALA A 116 0.23 20.53 2.92
CA ALA A 116 1.15 19.93 3.86
C ALA A 116 1.44 20.87 5.03
N ALA A 117 1.05 20.48 6.22
CA ALA A 117 1.25 21.24 7.45
C ALA A 117 0.88 20.36 8.63
N LEU A 118 1.70 20.39 9.65
CA LEU A 118 1.39 19.57 10.83
C LEU A 118 1.06 20.44 12.02
N PRO A 119 0.08 20.00 12.80
CA PRO A 119 -0.34 20.70 14.01
C PRO A 119 0.69 20.34 15.11
N SER A 120 0.94 21.29 16.01
CA SER A 120 1.92 21.16 17.08
C SER A 120 1.74 19.98 17.98
N HIS A 121 0.50 19.63 18.26
CA HIS A 121 0.32 18.51 19.10
C HIS A 121 0.91 17.29 18.41
N VAL A 122 0.76 17.15 17.09
CA VAL A 122 1.33 15.99 16.50
C VAL A 122 2.85 16.04 16.53
N VAL A 123 3.40 17.22 16.29
CA VAL A 123 4.85 17.31 16.31
C VAL A 123 5.43 16.94 17.68
N THR A 124 4.75 17.45 18.70
CA THR A 124 5.16 17.21 20.04
C THR A 124 5.19 15.75 20.38
N MET A 125 4.14 15.09 19.92
CA MET A 125 3.95 13.68 20.13
C MET A 125 5.10 12.87 19.53
N LEU A 126 5.47 13.21 18.32
CA LEU A 126 6.52 12.45 17.68
C LEU A 126 7.86 12.61 18.36
N ASP A 127 8.10 13.83 18.71
CA ASP A 127 9.33 14.17 19.37
C ASP A 127 9.41 13.59 20.76
N ASN A 128 8.32 13.15 21.31
CA ASN A 128 8.39 12.59 22.66
C ASN A 128 8.41 11.08 22.71
N PHE A 129 8.11 10.47 21.59
CA PHE A 129 8.10 9.03 21.48
C PHE A 129 9.48 8.45 21.76
N PRO A 130 9.49 7.28 22.33
CA PRO A 130 10.73 6.63 22.61
C PRO A 130 11.31 5.98 21.33
N THR A 131 12.65 5.86 21.25
CA THR A 131 13.29 5.23 20.09
C THR A 131 12.95 3.76 19.90
N ASN A 132 12.59 3.06 20.97
CA ASN A 132 12.20 1.67 20.87
C ASN A 132 10.76 1.49 20.42
N LEU A 133 10.05 2.58 20.13
CA LEU A 133 8.70 2.41 19.65
C LEU A 133 8.83 2.25 18.12
N HIS A 134 8.33 1.18 17.56
CA HIS A 134 8.40 0.90 16.15
C HIS A 134 7.84 1.99 15.25
N PRO A 135 8.56 2.19 14.13
CA PRO A 135 8.15 3.22 13.20
C PRO A 135 6.69 3.17 12.77
N MET A 136 6.19 1.96 12.51
CA MET A 136 4.82 1.83 12.07
C MET A 136 3.84 2.25 13.14
N SER A 137 4.25 2.02 14.38
CA SER A 137 3.45 2.36 15.54
C SER A 137 3.44 3.86 15.71
N GLN A 138 4.63 4.48 15.57
CA GLN A 138 4.65 5.92 15.66
C GLN A 138 3.83 6.53 14.53
N LEU A 139 3.84 5.90 13.34
CA LEU A 139 3.08 6.42 12.22
C LEU A 139 1.58 6.36 12.49
N SER A 140 1.08 5.18 12.83
CA SER A 140 -0.33 4.98 13.09
C SER A 140 -0.84 5.91 14.18
N ALA A 141 -0.10 6.00 15.26
CA ALA A 141 -0.49 6.89 16.37
C ALA A 141 -0.61 8.33 15.89
N ALA A 142 0.41 8.78 15.15
CA ALA A 142 0.35 10.13 14.64
C ALA A 142 -0.84 10.42 13.72
N ILE A 143 -1.24 9.48 12.84
CA ILE A 143 -2.37 9.68 11.93
C ILE A 143 -3.70 9.78 12.67
N THR A 144 -3.79 8.96 13.73
CA THR A 144 -4.95 8.92 14.61
C THR A 144 -5.02 10.29 15.30
N ALA A 145 -3.88 10.73 15.85
CA ALA A 145 -3.77 12.01 16.52
C ALA A 145 -4.14 13.17 15.57
N LEU A 146 -4.05 12.98 14.26
CA LEU A 146 -4.40 14.07 13.35
C LEU A 146 -5.90 14.21 13.13
N ASN A 147 -6.67 13.23 13.57
CA ASN A 147 -8.07 13.36 13.34
C ASN A 147 -8.70 14.57 13.99
N SER A 148 -7.98 15.28 14.88
CA SER A 148 -8.64 16.46 15.42
C SER A 148 -8.90 17.49 14.30
N GLU A 149 -8.24 17.29 13.19
CA GLU A 149 -8.38 18.24 12.09
C GLU A 149 -9.34 17.77 11.06
N SER A 150 -9.89 16.58 11.22
CA SER A 150 -10.79 16.05 10.22
C SER A 150 -11.93 16.99 9.82
N ASN A 151 -12.07 17.18 8.50
CA ASN A 151 -13.09 18.04 7.94
C ASN A 151 -14.36 17.20 7.89
N PHE A 152 -14.20 15.92 7.62
CA PHE A 152 -15.32 15.01 7.57
C PHE A 152 -15.94 14.82 8.95
N ALA A 153 -15.11 14.57 9.96
CA ALA A 153 -15.58 14.42 11.30
C ALA A 153 -16.40 15.66 11.67
N ARG A 154 -15.88 16.84 11.38
CA ARG A 154 -16.53 18.11 11.68
C ARG A 154 -17.83 18.28 10.94
N ALA A 155 -17.91 17.96 9.65
CA ALA A 155 -19.17 18.13 8.97
C ALA A 155 -20.24 17.13 9.42
N TYR A 156 -19.79 15.94 9.81
CA TYR A 156 -20.71 14.93 10.27
C TYR A 156 -21.35 15.41 11.53
N ALA A 157 -20.50 15.86 12.40
CA ALA A 157 -20.98 16.37 13.65
C ALA A 157 -21.94 17.55 13.48
N GLU A 158 -21.86 18.29 12.35
CA GLU A 158 -22.71 19.45 12.04
C GLU A 158 -24.01 19.04 11.41
N GLY A 159 -24.15 17.75 11.16
CA GLY A 159 -25.38 17.31 10.61
C GLY A 159 -25.48 17.32 9.11
N ILE A 160 -24.35 17.33 8.43
CA ILE A 160 -24.38 17.30 6.97
C ILE A 160 -25.27 16.19 6.35
N ASN A 161 -25.97 16.49 5.28
CA ASN A 161 -26.79 15.48 4.66
C ASN A 161 -25.85 14.42 4.15
N ARG A 162 -26.25 13.16 4.24
CA ARG A 162 -25.39 12.07 3.76
C ARG A 162 -24.91 12.16 2.30
N THR A 163 -25.69 12.78 1.39
CA THR A 163 -25.30 12.91 -0.03
C THR A 163 -23.98 13.73 -0.20
N LYS A 164 -23.61 14.53 0.78
CA LYS A 164 -22.39 15.32 0.68
C LYS A 164 -21.14 14.75 1.33
N TYR A 165 -21.24 13.53 1.84
CA TYR A 165 -20.08 12.95 2.49
C TYR A 165 -18.77 12.98 1.67
N TRP A 166 -18.87 12.50 0.41
CA TRP A 166 -17.72 12.42 -0.48
C TRP A 166 -16.89 13.67 -0.53
N GLU A 167 -17.59 14.78 -0.47
CA GLU A 167 -16.96 16.07 -0.54
C GLU A 167 -16.04 16.33 0.56
N PHE A 168 -16.40 15.83 1.72
CA PHE A 168 -15.56 16.01 2.88
C PHE A 168 -14.49 14.94 2.96
N VAL A 169 -14.81 13.77 2.43
CA VAL A 169 -13.84 12.70 2.40
C VAL A 169 -12.69 13.12 1.49
N TYR A 170 -13.06 13.71 0.36
CA TYR A 170 -12.14 14.23 -0.61
C TYR A 170 -11.14 15.20 0.00
N GLU A 171 -11.67 16.15 0.76
CA GLU A 171 -10.79 17.11 1.39
C GLU A 171 -9.78 16.55 2.34
N ASP A 172 -10.29 15.63 3.16
CA ASP A 172 -9.44 14.99 4.17
C ASP A 172 -8.42 14.08 3.49
N ALA A 173 -8.86 13.42 2.39
CA ALA A 173 -7.98 12.53 1.63
C ALA A 173 -6.78 13.33 1.07
N MET A 174 -7.10 14.45 0.45
CA MET A 174 -6.06 15.30 -0.09
C MET A 174 -5.16 15.85 1.02
N ASP A 175 -5.77 16.30 2.16
CA ASP A 175 -4.97 16.82 3.25
C ASP A 175 -4.07 15.77 3.87
N LEU A 176 -4.60 14.59 4.02
CA LEU A 176 -3.85 13.50 4.61
C LEU A 176 -2.68 13.05 3.72
N ILE A 177 -2.99 12.90 2.40
CA ILE A 177 -1.93 12.51 1.47
C ILE A 177 -0.82 13.55 1.52
N ALA A 178 -1.24 14.82 1.61
CA ALA A 178 -0.27 15.89 1.68
C ALA A 178 0.58 15.82 2.96
N LYS A 179 -0.02 15.40 4.04
CA LYS A 179 0.76 15.39 5.27
C LYS A 179 1.61 14.20 5.54
N LEU A 180 1.23 13.08 4.93
CA LEU A 180 1.96 11.85 5.14
C LEU A 180 3.50 11.90 5.15
N PRO A 181 4.04 12.49 4.10
CA PRO A 181 5.46 12.58 3.96
C PRO A 181 6.12 13.34 5.08
N CYS A 182 5.45 14.38 5.60
CA CYS A 182 6.06 15.15 6.68
C CYS A 182 6.09 14.31 7.97
N VAL A 183 5.03 13.57 8.15
CA VAL A 183 4.94 12.72 9.32
C VAL A 183 6.01 11.66 9.21
N ALA A 184 5.97 10.94 8.10
CA ALA A 184 6.91 9.88 7.85
C ALA A 184 8.36 10.36 7.98
N ALA A 185 8.63 11.51 7.42
CA ALA A 185 9.98 12.02 7.50
C ALA A 185 10.36 12.47 8.87
N LYS A 186 9.42 13.00 9.65
CA LYS A 186 9.80 13.43 10.98
C LYS A 186 10.24 12.21 11.84
N ILE A 187 9.59 11.07 11.62
CA ILE A 187 9.92 9.86 12.32
C ILE A 187 11.33 9.42 11.92
N TYR A 188 11.61 9.44 10.62
CA TYR A 188 12.91 9.04 10.14
C TYR A 188 14.04 9.85 10.79
N ARG A 189 13.87 11.13 10.83
CA ARG A 189 14.85 12.03 11.39
C ARG A 189 14.96 11.94 12.91
N ASN A 190 13.83 11.77 13.57
CA ASN A 190 13.91 11.69 15.02
C ASN A 190 14.62 10.41 15.42
N LEU A 191 14.38 9.39 14.65
CA LEU A 191 14.96 8.11 14.98
C LEU A 191 16.36 7.95 14.47
N TYR A 192 16.58 8.35 13.25
CA TYR A 192 17.88 8.14 12.70
C TYR A 192 18.78 9.33 12.46
N ARG A 193 18.33 10.56 12.55
CA ARG A 193 19.19 11.73 12.31
C ARG A 193 18.94 12.78 13.34
N ALA A 194 18.85 12.24 14.56
CA ALA A 194 18.55 13.00 15.76
C ALA A 194 19.28 14.34 15.84
N GLY A 195 18.51 15.43 15.95
CA GLY A 195 19.04 16.79 16.05
C GLY A 195 18.91 17.64 14.78
N SER A 196 18.58 16.95 13.70
CA SER A 196 18.38 17.60 12.43
C SER A 196 16.85 17.82 12.23
N SER A 197 16.45 18.64 11.23
CA SER A 197 15.09 19.03 10.82
C SER A 197 14.71 18.54 9.43
N ILE A 198 13.41 18.35 9.15
CA ILE A 198 12.99 17.88 7.85
C ILE A 198 12.95 18.97 6.83
N GLY A 199 12.94 20.16 7.39
CA GLY A 199 12.90 21.34 6.58
C GLY A 199 11.52 21.66 6.06
N ALA A 200 11.53 22.41 4.95
CA ALA A 200 10.32 22.88 4.30
C ALA A 200 10.00 22.27 2.95
N ILE A 201 8.71 22.39 2.62
CA ILE A 201 8.16 21.90 1.38
C ILE A 201 8.38 22.97 0.33
N ASP A 202 8.79 22.50 -0.84
CA ASP A 202 9.04 23.35 -1.98
C ASP A 202 7.84 23.17 -2.86
N SER A 203 7.02 24.21 -2.94
CA SER A 203 5.82 24.14 -3.75
C SER A 203 6.13 23.85 -5.21
N LYS A 204 7.41 23.86 -5.53
CA LYS A 204 7.79 23.64 -6.90
C LYS A 204 8.13 22.21 -7.26
N LEU A 205 8.34 21.34 -6.27
CA LEU A 205 8.67 19.96 -6.60
C LEU A 205 7.52 19.01 -6.53
N ASP A 206 7.77 17.83 -7.08
CA ASP A 206 6.77 16.80 -7.00
C ASP A 206 6.89 16.24 -5.57
N TRP A 207 5.85 15.51 -5.22
CA TRP A 207 5.65 14.90 -3.94
C TRP A 207 6.78 14.01 -3.49
N SER A 208 7.16 13.08 -4.37
CA SER A 208 8.28 12.18 -4.08
C SER A 208 9.57 12.94 -3.77
N HIS A 209 9.80 13.95 -4.61
CA HIS A 209 10.97 14.76 -4.44
C HIS A 209 10.97 15.53 -3.11
N ASN A 210 9.86 16.14 -2.74
CA ASN A 210 9.90 16.83 -1.46
C ASN A 210 10.16 15.80 -0.35
N PHE A 211 9.61 14.60 -0.54
CA PHE A 211 9.77 13.54 0.45
C PHE A 211 11.23 13.17 0.70
N THR A 212 11.92 12.84 -0.38
CA THR A 212 13.35 12.46 -0.35
C THR A 212 14.22 13.57 0.18
N ASN A 213 13.87 14.83 -0.07
CA ASN A 213 14.61 15.93 0.52
C ASN A 213 14.38 15.96 2.06
N MET A 214 13.14 15.74 2.47
CA MET A 214 12.88 15.77 3.91
C MET A 214 13.58 14.60 4.60
N LEU A 215 13.73 13.46 3.86
CA LEU A 215 14.40 12.23 4.33
C LEU A 215 15.91 12.46 4.34
N GLY A 216 16.37 13.49 3.61
CA GLY A 216 17.78 13.86 3.57
C GLY A 216 18.67 13.19 2.54
N TYR A 217 18.06 12.72 1.45
CA TYR A 217 18.74 12.02 0.36
C TYR A 217 18.96 12.90 -0.86
N THR A 218 20.21 12.95 -1.34
CA THR A 218 20.55 13.77 -2.50
C THR A 218 20.60 13.06 -3.86
N ASP A 219 20.95 11.78 -3.87
CA ASP A 219 21.04 11.06 -5.13
C ASP A 219 19.77 11.13 -5.97
N PRO A 220 19.95 11.57 -7.21
CA PRO A 220 18.83 11.69 -8.11
C PRO A 220 18.24 10.34 -8.50
N GLN A 221 19.03 9.29 -8.45
CA GLN A 221 18.48 8.02 -8.83
C GLN A 221 17.56 7.53 -7.73
N PHE A 222 17.87 8.02 -6.53
CA PHE A 222 17.11 7.67 -5.35
C PHE A 222 15.69 8.23 -5.49
N THR A 223 15.63 9.51 -5.91
CA THR A 223 14.38 10.24 -6.16
C THR A 223 13.53 9.43 -7.15
N GLU A 224 14.20 8.88 -8.15
CA GLU A 224 13.57 8.07 -9.19
C GLU A 224 13.07 6.75 -8.62
N LEU A 225 13.88 6.21 -7.70
CA LEU A 225 13.50 4.96 -7.06
C LEU A 225 12.19 5.20 -6.29
N MET A 226 12.18 6.31 -5.54
CA MET A 226 11.04 6.73 -4.76
C MET A 226 9.74 6.87 -5.57
N ARG A 227 9.81 7.60 -6.69
CA ARG A 227 8.66 7.78 -7.55
C ARG A 227 8.11 6.45 -7.96
N LEU A 228 9.00 5.53 -8.29
CA LEU A 228 8.55 4.20 -8.71
C LEU A 228 7.92 3.42 -7.53
N TYR A 229 8.65 3.46 -6.43
CA TYR A 229 8.23 2.78 -5.21
C TYR A 229 6.81 3.14 -4.81
N LEU A 230 6.67 4.43 -4.66
CA LEU A 230 5.42 5.01 -4.28
C LEU A 230 4.28 4.77 -5.30
N THR A 231 4.62 4.57 -6.55
CA THR A 231 3.58 4.31 -7.52
C THR A 231 3.19 2.85 -7.47
N ILE A 232 4.18 1.98 -7.41
CA ILE A 232 3.81 0.60 -7.46
C ILE A 232 3.20 -0.01 -6.23
N HIS A 233 3.43 0.66 -5.10
CA HIS A 233 2.87 0.13 -3.85
C HIS A 233 1.45 0.67 -3.52
N SER A 234 0.97 1.59 -4.34
CA SER A 234 -0.27 2.32 -4.20
C SER A 234 -1.56 1.62 -3.89
N ASP A 235 -1.83 0.55 -4.63
CA ASP A 235 -3.08 -0.16 -4.47
C ASP A 235 -2.99 -1.60 -4.87
N HIS A 236 -3.81 -2.47 -4.27
CA HIS A 236 -3.72 -3.85 -4.67
C HIS A 236 -5.03 -4.52 -4.50
N GLU A 237 -6.02 -3.89 -5.13
CA GLU A 237 -7.40 -4.35 -5.07
C GLU A 237 -7.93 -4.18 -3.65
N GLY A 238 -9.17 -4.62 -3.40
CA GLY A 238 -9.71 -4.36 -2.07
C GLY A 238 -9.64 -5.36 -0.98
N GLY A 239 -9.34 -6.60 -1.29
CA GLY A 239 -9.32 -7.67 -0.30
C GLY A 239 -8.08 -7.81 0.49
N ASN A 240 -7.06 -7.02 0.23
CA ASN A 240 -5.84 -7.15 0.99
C ASN A 240 -6.10 -6.52 2.33
N VAL A 241 -5.35 -6.97 3.32
CA VAL A 241 -5.56 -6.49 4.70
C VAL A 241 -5.74 -5.00 4.93
N SER A 242 -4.71 -4.24 4.56
CA SER A 242 -4.75 -2.81 4.71
C SER A 242 -5.90 -2.14 3.98
N ALA A 243 -6.13 -2.47 2.72
CA ALA A 243 -7.21 -1.88 1.99
C ALA A 243 -8.57 -2.26 2.59
N HIS A 244 -8.77 -3.56 2.85
CA HIS A 244 -10.01 -4.04 3.43
C HIS A 244 -10.32 -3.36 4.76
N THR A 245 -9.26 -3.18 5.60
CA THR A 245 -9.33 -2.54 6.89
C THR A 245 -9.83 -1.11 6.74
N SER A 246 -9.23 -0.39 5.79
CA SER A 246 -9.68 0.99 5.60
C SER A 246 -11.17 1.03 5.18
N HIS A 247 -11.56 0.08 4.30
CA HIS A 247 -12.89 -0.04 3.77
C HIS A 247 -13.91 -0.30 4.84
N LEU A 248 -13.65 -1.31 5.60
CA LEU A 248 -14.50 -1.71 6.71
C LEU A 248 -14.64 -0.59 7.74
N VAL A 249 -13.56 -0.01 8.18
CA VAL A 249 -13.62 1.06 9.15
C VAL A 249 -14.28 2.33 8.57
N GLY A 250 -14.00 2.64 7.30
CA GLY A 250 -14.61 3.83 6.79
C GLY A 250 -16.07 3.61 6.63
N SER A 251 -16.49 2.36 6.50
CA SER A 251 -17.90 2.01 6.32
C SER A 251 -18.82 2.40 7.46
N ALA A 252 -18.23 2.62 8.63
CA ALA A 252 -18.96 3.01 9.82
C ALA A 252 -18.97 4.51 9.99
N LEU A 253 -18.46 5.22 8.99
CA LEU A 253 -18.37 6.64 9.04
C LEU A 253 -17.22 7.24 9.79
N SER A 254 -16.24 6.39 10.18
CA SER A 254 -15.04 6.91 10.84
C SER A 254 -14.38 7.74 9.74
N ASP A 255 -13.72 8.83 10.12
CA ASP A 255 -13.06 9.71 9.19
C ASP A 255 -11.87 9.08 8.50
N PRO A 256 -11.37 9.70 7.44
CA PRO A 256 -10.23 9.11 6.75
C PRO A 256 -8.93 8.87 7.55
N TYR A 257 -8.73 9.73 8.52
CA TYR A 257 -7.56 9.64 9.36
C TYR A 257 -7.62 8.35 10.14
N LEU A 258 -8.77 8.10 10.75
CA LEU A 258 -9.00 6.89 11.56
C LEU A 258 -9.00 5.64 10.72
N SER A 259 -9.63 5.71 9.55
CA SER A 259 -9.65 4.55 8.69
C SER A 259 -8.23 4.19 8.21
N PHE A 260 -7.44 5.24 7.85
CA PHE A 260 -6.08 5.06 7.37
C PHE A 260 -5.14 4.46 8.43
N ALA A 261 -5.21 5.02 9.66
CA ALA A 261 -4.42 4.58 10.83
C ALA A 261 -4.77 3.09 11.16
N ALA A 262 -6.04 2.68 11.10
CA ALA A 262 -6.38 1.31 11.33
C ALA A 262 -5.73 0.46 10.23
N ALA A 263 -5.76 0.97 8.98
CA ALA A 263 -5.16 0.20 7.88
C ALA A 263 -3.69 0.00 8.11
N MET A 264 -3.08 1.01 8.70
CA MET A 264 -1.68 0.91 8.95
C MET A 264 -1.41 -0.17 9.98
N ASN A 265 -2.35 -0.34 10.86
CA ASN A 265 -2.12 -1.35 11.87
C ASN A 265 -2.12 -2.72 11.23
N GLY A 266 -2.89 -2.85 10.16
CA GLY A 266 -3.03 -4.05 9.34
C GLY A 266 -1.75 -4.32 8.53
N LEU A 267 -1.23 -3.24 7.91
CA LEU A 267 0.01 -3.24 7.12
C LEU A 267 1.23 -3.69 7.93
N ALA A 268 1.24 -3.34 9.23
CA ALA A 268 2.27 -3.65 10.17
C ALA A 268 2.33 -5.13 10.53
N GLY A 269 1.42 -5.96 9.99
CA GLY A 269 1.46 -7.38 10.30
C GLY A 269 2.51 -8.09 9.45
N PRO A 270 3.24 -9.05 10.01
CA PRO A 270 4.31 -9.84 9.37
C PRO A 270 3.92 -10.56 8.08
N LEU A 271 2.64 -10.91 7.99
CA LEU A 271 2.07 -11.60 6.84
C LEU A 271 1.59 -10.58 5.78
N HIS A 272 1.67 -9.30 6.12
CA HIS A 272 1.27 -8.24 5.19
C HIS A 272 2.48 -7.36 4.86
N GLY A 273 2.34 -6.07 5.02
CA GLY A 273 3.42 -5.14 4.72
C GLY A 273 4.74 -5.21 5.44
N LEU A 274 4.72 -5.76 6.67
CA LEU A 274 5.90 -5.90 7.48
C LEU A 274 6.89 -6.88 6.82
N ALA A 275 6.42 -7.69 5.86
CA ALA A 275 7.30 -8.63 5.17
C ALA A 275 8.53 -7.94 4.55
N ASN A 276 8.33 -6.68 4.10
CA ASN A 276 9.42 -5.92 3.46
C ASN A 276 10.62 -5.81 4.35
N GLN A 277 10.37 -5.52 5.61
CA GLN A 277 11.36 -5.40 6.66
C GLN A 277 11.92 -6.77 7.04
N GLU A 278 10.99 -7.77 7.17
CA GLU A 278 11.28 -9.15 7.54
C GLU A 278 12.21 -9.79 6.49
N VAL A 279 12.00 -9.45 5.20
CA VAL A 279 12.85 -9.99 4.15
C VAL A 279 14.34 -9.61 4.41
N LEU A 280 14.54 -8.34 4.69
CA LEU A 280 15.85 -7.82 4.96
C LEU A 280 16.50 -8.40 6.20
N LEU A 281 15.73 -8.53 7.27
CA LEU A 281 16.24 -9.10 8.51
C LEU A 281 16.65 -10.54 8.22
N TRP A 282 15.86 -11.26 7.41
CA TRP A 282 16.11 -12.66 7.03
C TRP A 282 17.40 -12.85 6.23
N LEU A 283 17.61 -11.88 5.32
CA LEU A 283 18.78 -11.85 4.48
C LEU A 283 19.98 -11.57 5.34
N SER A 284 19.87 -10.63 6.27
CA SER A 284 20.97 -10.27 7.16
C SER A 284 21.52 -11.39 8.01
N GLN A 285 20.62 -12.25 8.48
CA GLN A 285 20.95 -13.40 9.27
C GLN A 285 21.63 -14.41 8.36
N LEU A 286 21.06 -14.50 7.15
CA LEU A 286 21.53 -15.39 6.12
C LEU A 286 23.02 -15.17 5.90
N GLN A 287 23.29 -13.99 5.39
CA GLN A 287 24.61 -13.53 5.08
C GLN A 287 25.47 -13.59 6.31
N LYS A 288 24.82 -13.52 7.47
CA LYS A 288 25.62 -13.56 8.67
C LYS A 288 25.98 -14.99 8.99
N ASP A 289 25.01 -15.87 8.82
CA ASP A 289 25.20 -17.27 9.08
C ASP A 289 26.22 -17.84 8.12
N LEU A 290 25.85 -17.76 6.84
CA LEU A 290 26.64 -18.27 5.73
C LEU A 290 27.77 -17.39 5.23
N GLY A 291 27.56 -16.08 5.25
CA GLY A 291 28.57 -15.14 4.77
C GLY A 291 28.55 -14.90 3.24
N ALA A 292 28.29 -13.65 2.85
CA ALA A 292 28.21 -13.07 1.51
C ALA A 292 28.03 -13.93 0.24
N ASP A 293 28.95 -14.86 -0.06
CA ASP A 293 28.75 -15.64 -1.27
C ASP A 293 28.47 -17.13 -1.03
N ALA A 294 27.19 -17.42 -0.87
CA ALA A 294 26.76 -18.77 -0.61
C ALA A 294 26.53 -19.64 -1.84
N SER A 295 26.59 -20.93 -1.53
CA SER A 295 26.39 -22.03 -2.44
C SER A 295 24.91 -22.34 -2.44
N ASP A 296 24.45 -22.87 -3.54
CA ASP A 296 23.07 -23.18 -3.62
C ASP A 296 22.67 -24.17 -2.53
N GLU A 297 23.48 -25.21 -2.32
CA GLU A 297 23.18 -26.21 -1.33
C GLU A 297 23.05 -25.60 0.05
N LYS A 298 23.86 -24.58 0.37
CA LYS A 298 23.76 -23.93 1.66
C LYS A 298 22.52 -23.02 1.77
N LEU A 299 22.07 -22.50 0.65
CA LEU A 299 20.90 -21.65 0.61
C LEU A 299 19.68 -22.52 0.85
N ARG A 300 19.70 -23.69 0.22
CA ARG A 300 18.59 -24.64 0.40
C ARG A 300 18.47 -24.96 1.90
N ASP A 301 19.61 -25.34 2.48
CA ASP A 301 19.75 -25.70 3.88
C ASP A 301 19.16 -24.66 4.80
N TYR A 302 19.50 -23.44 4.50
CA TYR A 302 19.03 -22.33 5.30
C TYR A 302 17.52 -22.11 5.18
N ILE A 303 16.98 -22.41 3.99
CA ILE A 303 15.55 -22.26 3.72
C ILE A 303 14.78 -23.32 4.50
N TRP A 304 15.29 -24.54 4.38
CA TRP A 304 14.69 -25.66 5.09
C TRP A 304 14.66 -25.44 6.60
N ASN A 305 15.74 -24.92 7.15
CA ASN A 305 15.78 -24.68 8.59
C ASN A 305 14.62 -23.80 9.09
N THR A 306 14.35 -22.72 8.32
CA THR A 306 13.28 -21.76 8.59
C THR A 306 11.93 -22.47 8.56
N LEU A 307 11.70 -23.23 7.50
CA LEU A 307 10.48 -23.96 7.31
C LEU A 307 10.25 -25.02 8.42
N ASN A 308 11.33 -25.66 8.81
CA ASN A 308 11.28 -26.70 9.81
C ASN A 308 11.07 -26.18 11.21
N SER A 309 11.34 -24.91 11.36
CA SER A 309 11.22 -24.23 12.62
C SER A 309 9.87 -23.57 12.87
N GLY A 310 8.89 -23.87 12.01
CA GLY A 310 7.51 -23.36 12.07
C GLY A 310 7.37 -21.88 11.69
N ARG A 311 8.27 -21.43 10.80
CA ARG A 311 8.31 -20.06 10.30
C ARG A 311 8.08 -19.93 8.78
N VAL A 312 7.79 -18.69 8.36
CA VAL A 312 7.57 -18.48 6.93
C VAL A 312 8.80 -17.88 6.27
N VAL A 313 8.88 -18.12 4.96
CA VAL A 313 9.99 -17.55 4.22
C VAL A 313 9.39 -16.21 3.79
N PRO A 314 9.92 -15.08 4.30
CA PRO A 314 9.31 -13.78 3.95
C PRO A 314 9.40 -13.42 2.45
N GLY A 315 8.42 -12.72 1.91
CA GLY A 315 8.43 -12.29 0.54
C GLY A 315 8.10 -13.26 -0.54
N TYR A 316 7.64 -14.44 -0.12
CA TYR A 316 7.23 -15.50 -1.05
C TYR A 316 5.77 -15.94 -0.78
N GLY A 317 4.99 -16.20 -1.80
CA GLY A 317 3.61 -16.62 -1.64
C GLY A 317 2.67 -15.41 -1.71
N HIS A 318 1.38 -15.73 -1.89
CA HIS A 318 0.35 -14.70 -1.98
C HIS A 318 -1.03 -15.32 -1.83
N ALA A 319 -1.94 -14.53 -1.30
CA ALA A 319 -3.26 -15.06 -1.13
C ALA A 319 -3.99 -15.24 -2.46
N VAL A 320 -3.74 -14.37 -3.43
CA VAL A 320 -4.44 -14.43 -4.70
C VAL A 320 -3.54 -14.71 -5.90
N LEU A 321 -2.40 -14.05 -5.95
CA LEU A 321 -1.48 -14.26 -7.05
C LEU A 321 -1.05 -15.71 -7.12
N ARG A 322 -0.90 -16.21 -8.36
CA ARG A 322 -0.46 -17.58 -8.64
C ARG A 322 0.87 -17.70 -9.41
N LYS A 323 1.42 -16.55 -9.77
CA LYS A 323 2.63 -16.43 -10.51
C LYS A 323 3.38 -15.30 -9.92
N THR A 324 4.61 -15.17 -10.37
CA THR A 324 5.46 -14.11 -9.90
C THR A 324 4.84 -12.73 -10.06
N ASP A 325 4.85 -12.01 -8.96
CA ASP A 325 4.31 -10.68 -8.89
C ASP A 325 5.01 -9.69 -9.86
N PRO A 326 4.23 -9.04 -10.76
CA PRO A 326 4.75 -8.03 -11.68
C PRO A 326 5.45 -6.91 -10.92
N ARG A 327 5.08 -6.68 -9.66
CA ARG A 327 5.74 -5.67 -8.89
C ARG A 327 7.17 -6.07 -8.57
N TYR A 328 7.35 -7.38 -8.43
CA TYR A 328 8.68 -7.95 -8.14
C TYR A 328 9.56 -7.73 -9.36
N THR A 329 9.02 -8.14 -10.50
CA THR A 329 9.67 -8.05 -11.81
C THR A 329 10.08 -6.65 -12.15
N CYS A 330 9.13 -5.78 -11.93
CA CYS A 330 9.34 -4.39 -12.14
C CYS A 330 10.51 -3.89 -11.27
N GLN A 331 10.65 -4.47 -10.08
CA GLN A 331 11.75 -4.04 -9.26
C GLN A 331 13.07 -4.60 -9.75
N ARG A 332 13.03 -5.85 -10.20
CA ARG A 332 14.19 -6.58 -10.74
C ARG A 332 14.76 -5.76 -11.90
N GLU A 333 13.83 -5.39 -12.79
CA GLU A 333 14.19 -4.55 -13.93
C GLU A 333 14.93 -3.30 -13.52
N PHE A 334 14.48 -2.60 -12.47
CA PHE A 334 15.15 -1.43 -11.98
C PHE A 334 16.52 -1.76 -11.42
N ALA A 335 16.64 -2.89 -10.74
CA ALA A 335 17.93 -3.27 -10.18
C ALA A 335 18.93 -3.57 -11.29
N LEU A 336 18.47 -4.33 -12.26
CA LEU A 336 19.31 -4.70 -13.37
C LEU A 336 19.86 -3.49 -14.08
N LYS A 337 19.07 -2.43 -14.16
CA LYS A 337 19.51 -1.22 -14.82
C LYS A 337 20.38 -0.34 -13.96
N HIS A 338 20.14 -0.34 -12.64
CA HIS A 338 20.90 0.55 -11.75
C HIS A 338 21.86 0.01 -10.76
N LEU A 339 21.75 -1.23 -10.37
CA LEU A 339 22.70 -1.69 -9.37
C LEU A 339 22.92 -3.17 -9.58
N PRO A 340 23.09 -3.53 -10.83
CA PRO A 340 23.27 -4.92 -11.20
C PRO A 340 24.34 -5.73 -10.47
N SER A 341 25.34 -5.03 -9.94
CA SER A 341 26.43 -5.72 -9.26
C SER A 341 26.38 -5.71 -7.73
N ASP A 342 25.27 -5.29 -7.20
CA ASP A 342 25.17 -5.28 -5.76
C ASP A 342 25.07 -6.74 -5.28
N PRO A 343 25.85 -7.08 -4.24
CA PRO A 343 25.89 -8.41 -3.69
C PRO A 343 24.58 -8.84 -3.09
N MET A 344 23.90 -7.90 -2.46
CA MET A 344 22.60 -8.22 -1.89
C MET A 344 21.61 -8.52 -3.00
N PHE A 345 21.66 -7.66 -4.02
CA PHE A 345 20.80 -7.85 -5.17
C PHE A 345 21.04 -9.24 -5.72
N LYS A 346 22.33 -9.53 -5.84
CA LYS A 346 22.74 -10.81 -6.37
C LYS A 346 22.20 -11.94 -5.52
N LEU A 347 22.19 -11.71 -4.22
CA LEU A 347 21.67 -12.72 -3.32
C LEU A 347 20.15 -12.93 -3.59
N VAL A 348 19.44 -11.79 -3.67
CA VAL A 348 18.03 -11.84 -3.95
C VAL A 348 17.80 -12.58 -5.27
N ALA A 349 18.71 -12.32 -6.21
CA ALA A 349 18.58 -12.94 -7.51
C ALA A 349 18.71 -14.44 -7.43
N GLN A 350 19.69 -14.83 -6.61
CA GLN A 350 19.96 -16.25 -6.42
C GLN A 350 18.82 -16.94 -5.73
N LEU A 351 18.17 -16.23 -4.82
CA LEU A 351 17.06 -16.86 -4.11
C LEU A 351 15.90 -17.18 -5.04
N TYR A 352 15.74 -16.34 -6.08
CA TYR A 352 14.69 -16.52 -7.06
C TYR A 352 14.77 -17.89 -7.77
N LYS A 353 16.02 -18.27 -7.95
CA LYS A 353 16.25 -19.56 -8.55
C LYS A 353 16.07 -20.71 -7.54
N ILE A 354 16.19 -20.44 -6.24
CA ILE A 354 16.07 -21.53 -5.26
C ILE A 354 14.78 -21.69 -4.46
N VAL A 355 14.38 -20.58 -3.87
CA VAL A 355 13.19 -20.54 -3.02
C VAL A 355 11.94 -21.23 -3.55
N PRO A 356 11.54 -20.85 -4.75
CA PRO A 356 10.32 -21.44 -5.28
C PRO A 356 10.38 -22.92 -5.37
N ASN A 357 11.56 -23.43 -5.60
CA ASN A 357 11.70 -24.87 -5.72
C ASN A 357 11.54 -25.57 -4.38
N VAL A 358 12.21 -25.03 -3.36
CA VAL A 358 12.10 -25.57 -2.05
C VAL A 358 10.62 -25.59 -1.66
N LEU A 359 9.96 -24.43 -1.83
CA LEU A 359 8.56 -24.28 -1.51
C LEU A 359 7.72 -25.33 -2.22
N LEU A 360 8.00 -25.53 -3.51
CA LEU A 360 7.28 -26.49 -4.28
C LEU A 360 7.49 -27.85 -3.64
N GLU A 361 8.75 -28.08 -3.25
CA GLU A 361 9.14 -29.33 -2.64
C GLU A 361 8.43 -29.59 -1.31
N GLN A 362 8.35 -28.53 -0.55
CA GLN A 362 7.66 -28.64 0.72
C GLN A 362 6.19 -29.02 0.55
N GLY A 363 5.58 -28.62 -0.55
CA GLY A 363 4.18 -28.96 -0.77
C GLY A 363 3.07 -28.18 -0.01
N LYS A 364 3.36 -27.06 0.65
CA LYS A 364 2.28 -26.38 1.34
C LYS A 364 1.80 -25.08 0.61
N ALA A 365 2.73 -24.17 0.29
CA ALA A 365 2.36 -22.93 -0.36
C ALA A 365 1.60 -23.13 -1.68
N LYS A 366 0.52 -22.39 -1.86
CA LYS A 366 -0.26 -22.47 -3.09
C LYS A 366 0.53 -21.75 -4.22
N ASN A 367 1.13 -20.62 -3.88
CA ASN A 367 1.95 -19.80 -4.78
C ASN A 367 3.40 -19.79 -4.27
N PRO A 368 4.31 -20.48 -4.98
CA PRO A 368 5.74 -20.55 -4.60
C PRO A 368 6.62 -19.38 -5.07
N TRP A 369 6.01 -18.47 -5.85
CA TRP A 369 6.63 -17.30 -6.44
C TRP A 369 6.76 -16.13 -5.49
N PRO A 370 7.68 -15.22 -5.81
CA PRO A 370 7.87 -14.08 -4.96
C PRO A 370 6.82 -13.00 -5.15
N ASN A 371 6.70 -12.18 -4.10
CA ASN A 371 5.76 -11.08 -4.08
C ASN A 371 6.65 -9.85 -3.93
N VAL A 372 6.03 -8.69 -4.11
CA VAL A 372 6.67 -7.40 -4.04
C VAL A 372 7.69 -7.24 -2.89
N ASP A 373 7.42 -7.84 -1.75
CA ASP A 373 8.30 -7.62 -0.61
C ASP A 373 9.65 -8.27 -0.67
N ALA A 374 9.73 -9.26 -1.59
CA ALA A 374 10.99 -9.97 -1.77
C ALA A 374 12.04 -9.03 -2.38
N HIS A 375 11.62 -8.04 -3.18
CA HIS A 375 12.57 -7.14 -3.85
C HIS A 375 12.80 -5.66 -3.45
N SER A 376 11.98 -5.10 -2.61
CA SER A 376 12.05 -3.71 -2.23
C SER A 376 13.15 -3.21 -1.32
N GLY A 377 13.39 -3.90 -0.21
CA GLY A 377 14.42 -3.39 0.66
C GLY A 377 15.82 -3.37 0.09
N VAL A 378 16.07 -4.32 -0.80
CA VAL A 378 17.36 -4.47 -1.43
C VAL A 378 17.69 -3.21 -2.22
N LEU A 379 16.67 -2.64 -2.82
CA LEU A 379 16.87 -1.43 -3.59
C LEU A 379 17.16 -0.29 -2.65
N LEU A 380 16.42 -0.24 -1.57
CA LEU A 380 16.59 0.84 -0.61
C LEU A 380 17.93 0.83 0.06
N GLN A 381 18.36 -0.38 0.46
CA GLN A 381 19.66 -0.58 1.13
C GLN A 381 20.81 0.05 0.28
N TYR A 382 20.75 -0.24 -1.01
CA TYR A 382 21.74 0.22 -2.00
C TYR A 382 22.01 1.71 -2.00
N TYR A 383 20.96 2.52 -1.83
CA TYR A 383 21.05 3.97 -1.80
C TYR A 383 21.39 4.51 -0.46
N GLY A 384 21.58 3.66 0.53
CA GLY A 384 21.94 4.17 1.85
C GLY A 384 20.87 4.12 2.95
N MET A 385 19.66 3.68 2.60
CA MET A 385 18.61 3.58 3.58
C MET A 385 18.60 2.16 4.08
N THR A 386 19.44 1.99 5.06
CA THR A 386 19.68 0.73 5.69
C THR A 386 18.82 0.47 6.92
N GLU A 387 17.95 1.40 7.32
CA GLU A 387 17.13 1.18 8.51
C GLU A 387 15.95 0.32 8.11
N MET A 388 16.11 -1.03 8.20
CA MET A 388 15.04 -1.94 7.80
C MET A 388 13.67 -1.90 8.50
N ASN A 389 13.67 -1.45 9.74
CA ASN A 389 12.48 -1.32 10.54
C ASN A 389 11.67 -0.16 10.04
N TYR A 390 12.25 0.70 9.18
CA TYR A 390 11.49 1.83 8.67
C TYR A 390 10.81 1.54 7.33
N TYR A 391 11.22 0.50 6.64
CA TYR A 391 10.69 0.15 5.30
C TYR A 391 9.16 0.13 5.12
N THR A 392 8.49 -0.47 6.12
CA THR A 392 7.03 -0.55 6.04
C THR A 392 6.31 0.84 5.94
N VAL A 393 6.91 1.86 6.56
CA VAL A 393 6.42 3.24 6.55
C VAL A 393 6.28 3.71 5.09
N LEU A 394 7.30 3.41 4.27
CA LEU A 394 7.25 3.79 2.87
C LEU A 394 6.08 3.13 2.18
N PHE A 395 5.89 1.87 2.53
CA PHE A 395 4.76 1.13 1.96
C PHE A 395 3.46 1.81 2.39
N GLY A 396 3.44 2.23 3.67
CA GLY A 396 2.28 2.92 4.22
C GLY A 396 1.96 4.17 3.43
N VAL A 397 2.98 5.04 3.24
CA VAL A 397 2.85 6.28 2.49
C VAL A 397 2.23 5.98 1.11
N SER A 398 2.79 5.02 0.40
CA SER A 398 2.27 4.69 -0.89
C SER A 398 0.81 4.24 -0.88
N ARG A 399 0.51 3.32 0.04
CA ARG A 399 -0.84 2.74 0.11
C ARG A 399 -1.96 3.76 0.32
N ALA A 400 -1.62 4.88 0.91
CA ALA A 400 -2.60 5.93 1.12
C ALA A 400 -3.29 6.29 -0.18
N LEU A 401 -2.49 6.25 -1.23
CA LEU A 401 -2.98 6.61 -2.53
C LEU A 401 -4.16 5.80 -3.00
N GLY A 402 -4.05 4.50 -2.92
CA GLY A 402 -5.13 3.66 -3.39
C GLY A 402 -6.31 3.62 -2.47
N VAL A 403 -6.00 3.45 -1.20
CA VAL A 403 -7.08 3.35 -0.25
C VAL A 403 -7.91 4.60 -0.10
N LEU A 404 -7.26 5.75 -0.15
CA LEU A 404 -7.98 6.98 -0.06
C LEU A 404 -8.73 7.29 -1.37
N ALA A 405 -8.24 6.76 -2.49
CA ALA A 405 -8.89 6.98 -3.77
C ALA A 405 -10.28 6.31 -3.74
N GLN A 406 -10.28 5.06 -3.27
CA GLN A 406 -11.49 4.28 -3.15
C GLN A 406 -12.47 4.81 -2.12
N LEU A 407 -11.91 5.25 -1.02
CA LEU A 407 -12.64 5.80 0.09
C LEU A 407 -13.60 6.87 -0.39
N ILE A 408 -13.13 7.79 -1.23
CA ILE A 408 -14.01 8.83 -1.75
C ILE A 408 -15.16 8.22 -2.53
N TRP A 409 -14.80 7.23 -3.35
CA TRP A 409 -15.80 6.53 -4.14
C TRP A 409 -16.86 5.79 -3.31
N SER A 410 -16.41 5.12 -2.24
CA SER A 410 -17.32 4.36 -1.37
C SER A 410 -18.41 5.29 -0.82
N ARG A 411 -17.98 6.46 -0.37
CA ARG A 411 -18.92 7.43 0.16
C ARG A 411 -19.70 8.08 -0.98
N ALA A 412 -19.10 8.29 -2.16
CA ALA A 412 -19.88 8.90 -3.23
C ALA A 412 -21.04 8.01 -3.71
N LEU A 413 -20.76 6.71 -3.76
CA LEU A 413 -21.72 5.71 -4.20
C LEU A 413 -22.69 5.21 -3.08
N GLY A 414 -22.48 5.68 -1.85
CA GLY A 414 -23.30 5.33 -0.71
C GLY A 414 -23.15 3.87 -0.29
N PHE A 415 -21.93 3.32 -0.27
CA PHE A 415 -21.79 1.93 0.16
C PHE A 415 -22.17 1.86 1.63
N PRO A 416 -22.91 0.85 2.07
CA PRO A 416 -23.28 0.82 3.50
C PRO A 416 -22.27 0.16 4.44
N LEU A 417 -22.67 0.10 5.69
CA LEU A 417 -21.88 -0.57 6.71
C LEU A 417 -21.49 -2.00 6.26
N GLU A 418 -20.19 -2.37 6.42
CA GLU A 418 -19.77 -3.71 6.05
C GLU A 418 -20.09 -4.53 7.28
N ARG A 419 -20.98 -5.52 7.14
CA ARG A 419 -21.36 -6.29 8.31
C ARG A 419 -21.87 -7.66 7.90
N PRO A 420 -20.95 -8.58 7.81
CA PRO A 420 -21.30 -9.93 7.42
C PRO A 420 -21.74 -10.69 8.65
N LYS A 421 -22.28 -11.85 8.39
CA LYS A 421 -22.74 -12.68 9.50
C LYS A 421 -21.65 -13.65 9.93
N SER A 422 -21.44 -13.82 11.26
CA SER A 422 -20.46 -14.78 11.73
C SER A 422 -21.19 -16.05 12.16
N MET A 423 -20.40 -17.07 12.42
CA MET A 423 -20.88 -18.39 12.84
C MET A 423 -19.86 -19.01 13.76
N SER A 424 -20.33 -19.88 14.64
CA SER A 424 -19.48 -20.58 15.59
C SER A 424 -19.26 -21.98 15.00
N THR A 425 -18.24 -22.72 15.48
CA THR A 425 -18.06 -24.07 14.95
C THR A 425 -19.28 -24.95 15.21
N ALA A 426 -19.83 -24.82 16.44
CA ALA A 426 -20.99 -25.55 16.89
C ALA A 426 -22.25 -25.19 16.09
N GLY A 427 -22.45 -23.89 15.86
CA GLY A 427 -23.59 -23.45 15.10
C GLY A 427 -23.50 -23.98 13.67
N LEU A 428 -22.28 -23.98 13.15
CA LEU A 428 -22.08 -24.46 11.80
C LEU A 428 -22.23 -26.01 11.69
N GLU A 429 -21.78 -26.71 12.72
CA GLU A 429 -21.91 -28.15 12.67
C GLU A 429 -23.39 -28.47 12.65
N LYS A 430 -24.13 -27.73 13.44
CA LYS A 430 -25.55 -27.96 13.46
C LYS A 430 -26.19 -27.67 12.12
N LEU A 431 -25.79 -26.56 11.54
CA LEU A 431 -26.35 -26.16 10.26
C LEU A 431 -26.26 -27.28 9.23
N SER A 432 -25.26 -28.10 9.44
CA SER A 432 -25.05 -29.17 8.50
C SER A 432 -25.41 -30.54 8.96
N ALA A 433 -24.96 -30.88 10.15
CA ALA A 433 -25.09 -32.16 10.85
C ALA A 433 -23.86 -32.29 11.75
N GLY A 434 -22.72 -31.83 11.25
CA GLY A 434 -21.47 -31.87 11.99
C GLY A 434 -20.58 -32.97 11.49
N GLY A 435 -19.28 -32.89 11.80
CA GLY A 435 -18.37 -33.92 11.34
C GLY A 435 -17.49 -34.36 12.49
#